data_7PFZ
#
_entry.id   7PFZ
#
_cell.length_a   49.284
_cell.length_b   60.470
_cell.length_c   80.823
_cell.angle_alpha   90.000
_cell.angle_beta   90.000
_cell.angle_gamma   90.000
#
_symmetry.space_group_name_H-M   'P 21 21 21'
#
loop_
_entity.id
_entity.type
_entity.pdbx_description
1 polymer 'Serine protease subunit NS2B'
2 polymer 'Serine protease NS3'
3 polymer 'Inhibitor MI-2267'
4 water water
#
loop_
_entity_poly.entity_id
_entity_poly.type
_entity_poly.pdbx_seq_one_letter_code
_entity_poly.pdbx_strand_id
1 'polypeptide(L)' MTGKSVDMYIERAGDITWEKDAEVTGNSPRLDVALDESGDFSLVEEDGPPMRE A
2 'polypeptide(L)'
;GSGALWDVPAPKEVKKGETTDGVYRVMTRRLLGSTQVGVGVMQEGVFHTMWHVTKGAALRSGEGRLDPYWGDVKQDLVSY
CGPWKLDAAWDGLSEVQLLAVPPGERAKNIQTLPGIFKTKDGDIGAVALDYPAGTSGSPILDKCGRVIGLYGNGVVIKNG
SYVSAITQGKREEETPVE
;
B
3 'polypeptide(L)' (V7T)KK(V8N)(ZAL) C
#
loop_
_chem_comp.id
_chem_comp.type
_chem_comp.name
_chem_comp.formula
V7T peptide-like '(2R)-6-azanyl-2-carbamimidamido-hexanoic acid' 'C7 H16 N4 O2'
V8N peptide-like '2-[3-(aminomethyl)phenyl]ethanoic acid' 'C9 H11 N O2'
#
# COMPACT_ATOMS: atom_id res chain seq x y z
N VAL A 6 -5.09 -13.69 18.39
CA VAL A 6 -5.37 -13.55 16.97
C VAL A 6 -4.14 -13.94 16.13
N ASP A 7 -4.32 -14.89 15.22
CA ASP A 7 -3.24 -15.35 14.34
C ASP A 7 -3.20 -14.47 13.10
N MET A 8 -2.23 -13.57 13.05
CA MET A 8 -1.98 -12.75 11.88
C MET A 8 -0.81 -13.35 11.11
N TYR A 9 -1.01 -13.64 9.84
CA TYR A 9 -0.01 -14.37 9.06
C TYR A 9 0.01 -13.83 7.65
N ILE A 10 1.09 -14.16 6.92
CA ILE A 10 1.23 -13.70 5.54
C ILE A 10 1.28 -14.89 4.61
N GLU A 11 0.84 -14.68 3.37
CA GLU A 11 0.93 -15.70 2.34
C GLU A 11 1.26 -15.07 1.01
N ARG A 12 2.18 -15.69 0.29
CA ARG A 12 2.64 -15.10 -0.97
C ARG A 12 1.47 -14.95 -1.94
N ALA A 13 1.47 -13.84 -2.67
CA ALA A 13 0.41 -13.56 -3.63
C ALA A 13 0.93 -13.32 -5.04
N GLY A 14 2.22 -13.13 -5.22
CA GLY A 14 2.73 -12.92 -6.56
C GLY A 14 4.12 -12.32 -6.58
N ASP A 15 4.64 -12.21 -7.79
CA ASP A 15 5.91 -11.56 -8.05
C ASP A 15 5.63 -10.11 -8.35
N ILE A 16 6.57 -9.24 -7.97
CA ILE A 16 6.41 -7.79 -8.19
C ILE A 16 7.01 -7.45 -9.54
N THR A 17 6.15 -7.32 -10.54
CA THR A 17 6.55 -7.11 -11.92
C THR A 17 5.60 -6.13 -12.60
N TRP A 18 6.18 -5.27 -13.43
CA TRP A 18 5.40 -4.40 -14.30
C TRP A 18 4.82 -5.22 -15.45
N GLU A 19 3.54 -4.98 -15.76
CA GLU A 19 2.86 -5.67 -16.83
C GLU A 19 2.94 -4.84 -18.11
N LYS A 20 3.51 -5.41 -19.16
CA LYS A 20 3.53 -4.74 -20.46
C LYS A 20 2.13 -4.68 -21.04
N ASP A 21 1.87 -3.64 -21.81
CA ASP A 21 0.56 -3.42 -22.43
C ASP A 21 -0.56 -3.70 -21.41
N ALA A 22 -0.72 -2.75 -20.48
CA ALA A 22 -1.68 -2.89 -19.39
C ALA A 22 -2.85 -1.92 -19.58
N GLU A 23 -3.90 -2.15 -18.78
CA GLU A 23 -5.07 -1.28 -18.81
C GLU A 23 -4.75 0.03 -18.10
N VAL A 24 -4.82 1.13 -18.85
CA VAL A 24 -4.64 2.48 -18.30
C VAL A 24 -6.00 3.05 -17.95
N THR A 25 -6.22 3.35 -16.68
CA THR A 25 -7.52 3.81 -16.24
C THR A 25 -7.34 4.78 -15.10
N GLY A 26 -8.45 5.45 -14.77
CA GLY A 26 -8.50 6.38 -13.67
C GLY A 26 -8.07 7.77 -14.09
N ASN A 27 -8.49 8.74 -13.31
CA ASN A 27 -8.14 10.12 -13.59
C ASN A 27 -6.93 10.51 -12.74
N SER A 28 -6.60 11.80 -12.76
CA SER A 28 -5.37 12.31 -12.15
C SER A 28 -5.73 13.57 -11.39
N PRO A 29 -6.42 13.43 -10.28
CA PRO A 29 -6.95 14.61 -9.60
C PRO A 29 -5.87 15.38 -8.87
N ARG A 30 -6.03 16.71 -8.85
CA ARG A 30 -5.12 17.58 -8.11
C ARG A 30 -5.92 18.14 -6.94
N LEU A 31 -5.57 17.68 -5.73
CA LEU A 31 -6.35 17.94 -4.53
C LEU A 31 -5.49 18.59 -3.47
N ASP A 32 -6.07 19.56 -2.75
CA ASP A 32 -5.44 20.16 -1.59
C ASP A 32 -5.85 19.35 -0.38
N VAL A 33 -4.88 18.80 0.35
CA VAL A 33 -5.16 17.91 1.47
C VAL A 33 -4.27 18.28 2.64
N ALA A 34 -4.69 17.86 3.83
CA ALA A 34 -3.95 18.02 5.05
C ALA A 34 -3.76 16.63 5.67
N LEU A 35 -2.65 16.47 6.38
CA LEU A 35 -2.33 15.19 7.03
C LEU A 35 -2.19 15.45 8.51
N ASP A 36 -2.95 14.74 9.32
CA ASP A 36 -2.88 14.95 10.76
C ASP A 36 -1.86 14.01 11.38
N GLU A 37 -1.62 14.16 12.68
CA GLU A 37 -0.59 13.37 13.33
C GLU A 37 -0.98 11.91 13.47
N SER A 38 -2.24 11.57 13.27
CA SER A 38 -2.71 10.19 13.33
C SER A 38 -2.65 9.51 11.99
N GLY A 39 -2.13 10.18 10.97
CA GLY A 39 -1.99 9.58 9.67
C GLY A 39 -3.23 9.65 8.81
N ASP A 40 -4.15 10.55 9.11
CA ASP A 40 -5.37 10.68 8.33
C ASP A 40 -5.26 11.87 7.39
N PHE A 41 -5.52 11.65 6.10
CA PHE A 41 -5.63 12.74 5.15
C PHE A 41 -7.05 13.24 5.15
N SER A 42 -7.20 14.54 4.92
CA SER A 42 -8.51 15.13 4.73
C SER A 42 -8.42 16.21 3.67
N LEU A 43 -9.53 16.42 2.97
CA LEU A 43 -9.59 17.49 1.99
C LEU A 43 -9.67 18.84 2.70
N VAL A 44 -8.94 19.81 2.16
CA VAL A 44 -9.04 21.18 2.64
C VAL A 44 -10.22 21.83 1.95
N GLU A 45 -11.17 22.34 2.74
CA GLU A 45 -12.37 22.99 2.21
C GLU A 45 -12.24 24.50 2.31
N GLU B 18 11.00 -18.04 4.17
CA GLU B 18 9.90 -17.36 4.85
C GLU B 18 9.91 -15.86 4.57
N THR B 19 10.99 -15.40 3.93
CA THR B 19 11.11 -14.00 3.56
C THR B 19 11.49 -13.84 2.10
N THR B 20 11.02 -14.72 1.22
CA THR B 20 11.35 -14.57 -0.19
C THR B 20 10.66 -13.33 -0.75
N ASP B 21 11.39 -12.63 -1.63
CA ASP B 21 10.85 -11.43 -2.23
C ASP B 21 9.51 -11.71 -2.87
N GLY B 22 8.62 -10.73 -2.78
CA GLY B 22 7.33 -10.83 -3.44
C GLY B 22 6.29 -9.99 -2.74
N VAL B 23 5.08 -10.05 -3.26
CA VAL B 23 3.93 -9.39 -2.65
C VAL B 23 3.14 -10.46 -1.91
N TYR B 24 2.62 -10.10 -0.74
CA TYR B 24 1.97 -11.03 0.17
C TYR B 24 0.65 -10.47 0.66
N ARG B 25 -0.32 -11.38 0.87
CA ARG B 25 -1.52 -11.03 1.61
C ARG B 25 -1.24 -11.11 3.11
N VAL B 26 -1.85 -10.21 3.88
CA VAL B 26 -1.84 -10.24 5.32
C VAL B 26 -3.21 -10.70 5.79
N MET B 27 -3.24 -11.85 6.47
CA MET B 27 -4.47 -12.51 6.83
C MET B 27 -4.59 -12.61 8.35
N THR B 28 -5.83 -12.72 8.81
CA THR B 28 -6.11 -13.08 10.19
C THR B 28 -7.06 -14.27 10.20
N ARG B 29 -6.86 -15.15 11.16
CA ARG B 29 -7.76 -16.28 11.37
C ARG B 29 -8.08 -16.35 12.85
N ARG B 30 -9.33 -16.70 13.16
CA ARG B 30 -9.73 -16.95 14.54
C ARG B 30 -10.06 -18.44 14.68
N LEU B 31 -11.29 -18.75 15.09
CA LEU B 31 -11.72 -20.15 15.10
C LEU B 31 -12.24 -20.57 13.74
N LEU B 32 -12.92 -19.66 13.03
CA LEU B 32 -13.49 -19.96 11.73
C LEU B 32 -12.47 -19.70 10.62
N GLY B 33 -12.93 -19.11 9.52
CA GLY B 33 -12.07 -18.91 8.36
C GLY B 33 -11.15 -17.72 8.52
N SER B 34 -10.53 -17.36 7.40
CA SER B 34 -9.55 -16.28 7.34
C SER B 34 -10.16 -15.05 6.71
N THR B 35 -9.57 -13.91 7.06
CA THR B 35 -9.94 -12.63 6.50
C THR B 35 -8.67 -11.95 6.05
N GLN B 36 -8.69 -11.38 4.85
CA GLN B 36 -7.56 -10.59 4.39
C GLN B 36 -7.71 -9.16 4.88
N VAL B 37 -6.76 -8.71 5.69
CA VAL B 37 -6.77 -7.35 6.22
C VAL B 37 -5.82 -6.43 5.47
N GLY B 38 -4.90 -6.98 4.69
CA GLY B 38 -4.05 -6.12 3.88
C GLY B 38 -3.09 -6.92 3.04
N VAL B 39 -2.03 -6.23 2.65
CA VAL B 39 -1.05 -6.66 1.66
C VAL B 39 0.27 -6.02 2.06
N GLY B 40 1.38 -6.65 1.68
CA GLY B 40 2.65 -5.98 1.87
C GLY B 40 3.70 -6.54 0.93
N VAL B 41 4.90 -5.95 1.03
CA VAL B 41 6.02 -6.25 0.14
C VAL B 41 7.19 -6.80 0.95
N MET B 42 7.70 -7.95 0.52
CA MET B 42 8.95 -8.48 1.04
C MET B 42 10.08 -8.08 0.08
N GLN B 43 11.07 -7.36 0.59
CA GLN B 43 12.23 -6.97 -0.19
C GLN B 43 13.42 -6.87 0.74
N GLU B 44 14.55 -7.47 0.33
CA GLU B 44 15.79 -7.39 1.12
C GLU B 44 15.58 -7.90 2.54
N GLY B 45 14.75 -8.94 2.68
CA GLY B 45 14.51 -9.57 3.96
C GLY B 45 13.65 -8.79 4.91
N VAL B 46 13.00 -7.72 4.45
CA VAL B 46 12.16 -6.87 5.26
C VAL B 46 10.74 -6.88 4.69
N PHE B 47 9.75 -7.01 5.56
CA PHE B 47 8.36 -6.96 5.16
C PHE B 47 7.82 -5.54 5.41
N HIS B 48 7.16 -4.99 4.41
CA HIS B 48 6.72 -3.60 4.40
C HIS B 48 5.21 -3.59 4.24
N THR B 49 4.49 -2.92 5.14
CA THR B 49 3.05 -2.79 4.99
C THR B 49 2.60 -1.49 5.62
N MET B 50 1.28 -1.27 5.63
N MET B 50 1.30 -1.27 5.65
CA MET B 50 0.71 -0.12 6.30
CA MET B 50 0.74 -0.06 6.28
C MET B 50 0.60 -0.40 7.79
C MET B 50 0.41 -0.34 7.74
N TRP B 51 0.69 0.66 8.58
CA TRP B 51 0.47 0.52 10.02
C TRP B 51 -0.95 0.09 10.32
N HIS B 52 -1.93 0.65 9.61
CA HIS B 52 -3.33 0.32 9.93
C HIS B 52 -3.69 -1.11 9.59
N VAL B 53 -2.86 -1.80 8.81
CA VAL B 53 -3.14 -3.21 8.50
C VAL B 53 -2.83 -4.10 9.69
N THR B 54 -1.64 -3.93 10.31
CA THR B 54 -1.21 -4.85 11.36
C THR B 54 -1.14 -4.22 12.75
N LYS B 55 -1.10 -2.88 12.84
CA LYS B 55 -0.84 -2.18 14.10
C LYS B 55 0.45 -2.65 14.77
N GLY B 56 1.41 -3.11 13.98
CA GLY B 56 2.67 -3.58 14.50
C GLY B 56 2.64 -4.94 15.14
N ALA B 57 1.56 -5.69 14.99
CA ALA B 57 1.51 -7.03 15.56
C ALA B 57 2.49 -7.92 14.81
N ALA B 58 3.02 -8.91 15.51
CA ALA B 58 3.92 -9.86 14.87
C ALA B 58 3.18 -10.64 13.81
N LEU B 59 3.92 -11.08 12.79
CA LEU B 59 3.37 -11.80 11.66
C LEU B 59 3.95 -13.20 11.58
N ARG B 60 3.09 -14.17 11.38
CA ARG B 60 3.54 -15.53 11.10
C ARG B 60 3.82 -15.66 9.61
N SER B 61 4.97 -16.26 9.29
CA SER B 61 5.32 -16.54 7.89
C SER B 61 5.74 -18.00 7.88
N GLY B 62 4.87 -18.86 7.39
CA GLY B 62 5.16 -20.28 7.48
C GLY B 62 5.26 -20.67 8.94
N GLU B 63 6.38 -21.27 9.31
CA GLU B 63 6.63 -21.65 10.70
C GLU B 63 7.35 -20.57 11.49
N GLY B 64 7.69 -19.45 10.85
CA GLY B 64 8.49 -18.42 11.48
C GLY B 64 7.64 -17.24 11.92
N ARG B 65 8.27 -16.35 12.67
CA ARG B 65 7.64 -15.15 13.20
C ARG B 65 8.45 -13.94 12.73
N LEU B 66 7.75 -12.92 12.22
CA LEU B 66 8.37 -11.67 11.83
C LEU B 66 7.99 -10.60 12.84
N ASP B 67 8.98 -9.89 13.35
CA ASP B 67 8.73 -8.90 14.39
C ASP B 67 8.87 -7.47 13.87
N PRO B 68 8.04 -6.55 14.36
CA PRO B 68 8.11 -5.17 13.88
C PRO B 68 9.46 -4.55 14.24
N TYR B 69 10.03 -3.82 13.28
CA TYR B 69 11.31 -3.17 13.46
C TYR B 69 11.19 -1.66 13.53
N TRP B 70 10.39 -1.06 12.65
CA TRP B 70 10.23 0.38 12.57
C TRP B 70 8.79 0.66 12.16
N GLY B 71 8.26 1.81 12.58
CA GLY B 71 6.96 2.23 12.08
C GLY B 71 6.69 3.66 12.46
N ASP B 72 5.64 4.19 11.82
CA ASP B 72 5.28 5.59 12.04
C ASP B 72 3.78 5.71 11.72
N VAL B 73 2.98 6.00 12.76
CA VAL B 73 1.53 6.10 12.57
C VAL B 73 1.16 7.24 11.64
N LYS B 74 1.92 8.34 11.64
CA LYS B 74 1.57 9.47 10.79
C LYS B 74 1.78 9.13 9.31
N GLN B 75 2.86 8.43 9.00
CA GLN B 75 3.09 7.95 7.65
C GLN B 75 2.22 6.74 7.32
N ASP B 76 1.66 6.11 8.35
CA ASP B 76 0.88 4.90 8.20
C ASP B 76 1.70 3.75 7.61
N LEU B 77 2.93 3.57 8.11
CA LEU B 77 3.83 2.53 7.61
C LEU B 77 4.45 1.77 8.76
N VAL B 78 4.81 0.51 8.47
CA VAL B 78 5.55 -0.34 9.41
C VAL B 78 6.41 -1.30 8.62
N SER B 79 7.60 -1.60 9.15
CA SER B 79 8.47 -2.61 8.56
C SER B 79 8.78 -3.68 9.60
N TYR B 80 9.04 -4.89 9.10
CA TYR B 80 9.35 -6.06 9.91
C TYR B 80 10.73 -6.60 9.54
N CYS B 81 11.48 -6.99 10.56
CA CYS B 81 12.77 -7.67 10.45
C CYS B 81 13.94 -6.73 10.23
N GLY B 82 13.68 -5.52 9.82
CA GLY B 82 14.73 -4.58 9.51
C GLY B 82 14.15 -3.24 9.10
N PRO B 83 15.03 -2.28 8.80
CA PRO B 83 14.56 -0.94 8.44
C PRO B 83 13.90 -0.92 7.07
N TRP B 84 13.09 0.12 6.87
CA TRP B 84 12.38 0.30 5.62
C TRP B 84 13.38 0.33 4.47
N LYS B 85 13.14 -0.51 3.45
CA LYS B 85 14.07 -0.68 2.34
C LYS B 85 13.64 -0.04 1.03
N LEU B 86 12.37 0.32 0.88
CA LEU B 86 11.84 0.81 -0.39
C LEU B 86 12.15 2.30 -0.51
N ASP B 87 12.91 2.66 -1.53
CA ASP B 87 13.30 4.06 -1.66
C ASP B 87 13.06 4.63 -3.04
N ALA B 88 12.51 3.85 -3.97
CA ALA B 88 12.19 4.41 -5.27
C ALA B 88 11.10 5.47 -5.12
N ALA B 89 11.19 6.52 -5.93
CA ALA B 89 10.26 7.64 -5.87
C ALA B 89 9.53 7.81 -7.19
N TRP B 90 8.25 8.14 -7.13
CA TRP B 90 7.56 8.56 -8.34
C TRP B 90 8.25 9.77 -8.93
N ASP B 91 8.43 9.76 -10.25
CA ASP B 91 9.14 10.84 -10.95
C ASP B 91 8.26 12.06 -11.19
N GLY B 92 7.02 12.07 -10.70
CA GLY B 92 6.14 13.20 -10.88
C GLY B 92 5.57 13.35 -12.27
N LEU B 93 5.86 12.41 -13.17
CA LEU B 93 5.59 12.58 -14.58
C LEU B 93 4.98 11.36 -15.23
N SER B 94 5.47 10.18 -14.87
CA SER B 94 5.18 8.96 -15.61
C SER B 94 3.97 8.21 -15.04
N GLU B 95 3.33 7.42 -15.91
CA GLU B 95 2.33 6.47 -15.42
C GLU B 95 2.98 5.43 -14.52
N VAL B 96 2.15 4.87 -13.63
CA VAL B 96 2.57 3.89 -12.64
C VAL B 96 1.60 2.71 -12.72
N GLN B 97 1.93 1.62 -12.01
CA GLN B 97 1.00 0.50 -11.90
C GLN B 97 0.74 0.19 -10.43
N LEU B 98 -0.54 0.14 -10.08
CA LEU B 98 -0.96 -0.47 -8.83
C LEU B 98 -0.97 -1.98 -9.04
N LEU B 99 -0.19 -2.70 -8.24
CA LEU B 99 -0.28 -4.16 -8.21
C LEU B 99 -1.29 -4.50 -7.12
N ALA B 100 -2.56 -4.43 -7.50
CA ALA B 100 -3.64 -4.62 -6.54
C ALA B 100 -3.75 -6.09 -6.18
N VAL B 101 -3.86 -6.38 -4.90
CA VAL B 101 -4.07 -7.74 -4.41
C VAL B 101 -5.35 -7.72 -3.58
N PRO B 102 -6.52 -7.69 -4.21
CA PRO B 102 -7.76 -7.58 -3.45
C PRO B 102 -8.07 -8.88 -2.75
N PRO B 103 -8.81 -8.82 -1.65
CA PRO B 103 -9.24 -10.07 -0.99
C PRO B 103 -9.97 -11.00 -1.96
N GLY B 104 -9.58 -12.27 -1.95
CA GLY B 104 -10.25 -13.25 -2.76
C GLY B 104 -10.04 -13.15 -4.25
N GLU B 105 -9.15 -12.29 -4.71
CA GLU B 105 -8.88 -12.10 -6.13
C GLU B 105 -7.39 -12.18 -6.37
N ARG B 106 -7.02 -12.65 -7.56
CA ARG B 106 -5.61 -12.73 -7.91
C ARG B 106 -5.04 -11.33 -8.07
N ALA B 107 -3.73 -11.24 -7.89
CA ALA B 107 -3.05 -9.98 -8.07
C ALA B 107 -3.22 -9.52 -9.52
N LYS B 108 -3.45 -8.21 -9.69
CA LYS B 108 -3.62 -7.65 -11.03
C LYS B 108 -2.99 -6.27 -11.09
N ASN B 109 -2.38 -5.97 -12.24
CA ASN B 109 -1.72 -4.69 -12.44
C ASN B 109 -2.70 -3.72 -13.11
N ILE B 110 -2.77 -2.51 -12.57
CA ILE B 110 -3.66 -1.46 -13.05
C ILE B 110 -2.78 -0.25 -13.34
N GLN B 111 -2.71 0.18 -14.58
CA GLN B 111 -1.87 1.29 -14.95
C GLN B 111 -2.68 2.59 -14.88
N THR B 112 -2.04 3.65 -14.41
CA THR B 112 -2.74 4.91 -14.19
C THR B 112 -1.71 6.03 -14.17
N LEU B 113 -2.18 7.25 -14.48
CA LEU B 113 -1.37 8.45 -14.30
C LEU B 113 -1.76 9.06 -12.97
N PRO B 114 -0.86 9.13 -11.97
CA PRO B 114 -1.24 9.70 -10.68
C PRO B 114 -1.66 11.14 -10.80
N GLY B 115 -2.59 11.53 -9.92
CA GLY B 115 -2.79 12.90 -9.54
C GLY B 115 -1.84 13.29 -8.42
N ILE B 116 -2.20 14.36 -7.72
CA ILE B 116 -1.34 14.95 -6.71
C ILE B 116 -2.16 15.28 -5.48
N PHE B 117 -1.65 14.89 -4.31
CA PHE B 117 -2.04 15.52 -3.04
C PHE B 117 -1.12 16.71 -2.82
N LYS B 118 -1.68 17.91 -2.81
CA LYS B 118 -0.90 19.12 -2.51
C LYS B 118 -1.06 19.40 -1.02
N THR B 119 0.03 19.33 -0.28
CA THR B 119 0.01 19.57 1.16
C THR B 119 0.95 20.73 1.47
N LYS B 120 0.84 21.23 2.70
CA LYS B 120 1.74 22.29 3.14
C LYS B 120 3.19 21.83 3.16
N ASP B 121 3.42 20.52 3.22
CA ASP B 121 4.76 19.95 3.31
C ASP B 121 5.18 19.29 2.00
N GLY B 122 4.73 19.84 0.88
CA GLY B 122 5.08 19.31 -0.42
C GLY B 122 3.98 18.42 -1.00
N ASP B 123 4.18 18.06 -2.27
CA ASP B 123 3.20 17.30 -3.02
C ASP B 123 3.53 15.81 -2.93
N ILE B 124 2.48 15.00 -3.02
CA ILE B 124 2.56 13.54 -2.97
C ILE B 124 1.75 13.03 -4.14
N GLY B 125 2.32 12.14 -4.94
CA GLY B 125 1.53 11.47 -5.96
C GLY B 125 0.37 10.73 -5.32
N ALA B 126 -0.70 10.58 -6.10
CA ALA B 126 -1.93 9.96 -5.57
C ALA B 126 -2.70 9.29 -6.70
N VAL B 127 -3.23 8.10 -6.42
CA VAL B 127 -3.88 7.30 -7.46
C VAL B 127 -5.37 7.20 -7.19
N ALA B 128 -6.16 7.44 -8.23
CA ALA B 128 -7.61 7.43 -8.12
C ALA B 128 -8.16 6.08 -8.55
N LEU B 129 -7.93 5.10 -7.68
CA LEU B 129 -8.32 3.72 -7.88
C LEU B 129 -8.96 3.22 -6.59
N ASP B 130 -10.07 2.50 -6.71
CA ASP B 130 -10.90 2.13 -5.56
C ASP B 130 -10.93 0.61 -5.41
N TYR B 131 -10.57 0.13 -4.23
CA TYR B 131 -10.52 -1.29 -3.91
C TYR B 131 -10.97 -1.48 -2.49
N PRO B 132 -11.31 -2.73 -2.11
CA PRO B 132 -11.71 -3.03 -0.73
C PRO B 132 -10.63 -2.72 0.31
N ALA B 133 -11.08 -2.49 1.55
CA ALA B 133 -10.15 -2.16 2.64
C ALA B 133 -8.96 -3.11 2.73
N GLY B 134 -9.19 -4.42 2.55
CA GLY B 134 -8.11 -5.38 2.66
C GLY B 134 -7.12 -5.37 1.55
N THR B 135 -7.27 -4.46 0.58
CA THR B 135 -6.27 -4.23 -0.45
C THR B 135 -5.14 -3.31 0.04
N SER B 136 -5.33 -2.69 1.21
CA SER B 136 -4.35 -1.80 1.79
C SER B 136 -2.99 -2.45 1.84
N GLY B 137 -1.96 -1.70 1.44
CA GLY B 137 -0.60 -2.18 1.40
C GLY B 137 -0.14 -2.68 0.05
N SER B 138 -1.05 -2.73 -0.93
CA SER B 138 -0.66 -3.19 -2.24
C SER B 138 0.39 -2.23 -2.81
N PRO B 139 1.42 -2.74 -3.48
CA PRO B 139 2.49 -1.87 -3.95
C PRO B 139 2.14 -1.15 -5.23
N ILE B 140 2.69 0.07 -5.35
CA ILE B 140 2.62 0.86 -6.56
C ILE B 140 4.00 0.88 -7.19
N LEU B 141 4.06 0.66 -8.51
CA LEU B 141 5.30 0.36 -9.20
C LEU B 141 5.62 1.38 -10.27
N ASP B 142 6.92 1.61 -10.47
CA ASP B 142 7.37 2.37 -11.64
C ASP B 142 7.62 1.39 -12.79
N LYS B 143 8.02 1.93 -13.95
CA LYS B 143 8.16 1.11 -15.15
C LYS B 143 9.28 0.09 -15.02
N CYS B 144 10.20 0.29 -14.07
CA CYS B 144 11.27 -0.65 -13.82
C CYS B 144 10.88 -1.72 -12.81
N GLY B 145 9.65 -1.69 -12.32
CA GLY B 145 9.18 -2.64 -11.36
C GLY B 145 9.54 -2.31 -9.92
N ARG B 146 10.16 -1.15 -9.68
CA ARG B 146 10.50 -0.76 -8.31
C ARG B 146 9.26 -0.27 -7.59
N VAL B 147 9.21 -0.52 -6.29
CA VAL B 147 8.07 -0.10 -5.48
C VAL B 147 8.25 1.36 -5.07
N ILE B 148 7.42 2.24 -5.63
CA ILE B 148 7.48 3.66 -5.32
C ILE B 148 6.56 4.04 -4.16
N GLY B 149 5.78 3.11 -3.63
CA GLY B 149 5.00 3.35 -2.44
C GLY B 149 3.93 2.30 -2.30
N LEU B 150 3.14 2.45 -1.23
CA LEU B 150 2.06 1.53 -0.93
C LEU B 150 0.71 2.24 -0.99
N TYR B 151 -0.29 1.50 -1.47
CA TYR B 151 -1.66 1.99 -1.64
C TYR B 151 -2.48 1.80 -0.38
N GLY B 152 -3.32 2.77 -0.06
CA GLY B 152 -4.38 2.57 0.90
C GLY B 152 -4.53 3.59 2.02
N ASN B 153 -3.79 4.68 1.98
CA ASN B 153 -4.06 5.80 2.89
C ASN B 153 -4.46 6.99 2.03
N GLY B 154 -5.71 7.44 2.16
CA GLY B 154 -6.22 8.39 1.19
C GLY B 154 -7.41 9.18 1.68
N VAL B 155 -8.19 9.67 0.71
CA VAL B 155 -9.36 10.51 0.97
C VAL B 155 -10.50 10.04 0.08
N VAL B 156 -11.72 10.39 0.47
CA VAL B 156 -12.91 10.20 -0.32
C VAL B 156 -13.35 11.55 -0.84
N ILE B 157 -13.59 11.64 -2.14
CA ILE B 157 -13.99 12.92 -2.74
C ILE B 157 -15.51 12.98 -2.88
N LYS B 158 -16.02 14.11 -3.36
CA LYS B 158 -17.43 14.42 -3.25
C LYS B 158 -18.31 13.36 -3.90
N ASN B 159 -17.87 12.77 -5.01
CA ASN B 159 -18.68 11.76 -5.70
C ASN B 159 -18.60 10.38 -5.06
N GLY B 160 -17.86 10.24 -3.97
CA GLY B 160 -17.74 8.99 -3.25
C GLY B 160 -16.56 8.15 -3.65
N SER B 161 -15.86 8.50 -4.72
CA SER B 161 -14.72 7.71 -5.11
C SER B 161 -13.51 8.05 -4.24
N TYR B 162 -12.44 7.31 -4.45
CA TYR B 162 -11.31 7.29 -3.55
C TYR B 162 -10.05 7.72 -4.27
N VAL B 163 -9.17 8.37 -3.52
CA VAL B 163 -7.85 8.71 -4.01
C VAL B 163 -6.85 8.33 -2.93
N SER B 164 -5.89 7.48 -3.27
CA SER B 164 -4.87 7.03 -2.35
C SER B 164 -3.56 7.79 -2.56
N ALA B 165 -2.95 8.23 -1.48
CA ALA B 165 -1.57 8.67 -1.60
C ALA B 165 -0.70 7.51 -2.08
N ILE B 166 0.38 7.85 -2.78
CA ILE B 166 1.49 6.91 -3.01
C ILE B 166 2.38 7.08 -1.77
N THR B 167 2.19 6.24 -0.76
CA THR B 167 2.89 6.41 0.51
C THR B 167 4.24 5.69 0.45
N GLN B 168 5.33 6.44 0.57
CA GLN B 168 6.67 5.87 0.57
C GLN B 168 7.38 6.23 1.87
N GLY B 169 8.16 5.30 2.40
CA GLY B 169 8.93 5.54 3.61
C GLY B 169 10.31 6.11 3.29
N LYS B 170 11.12 6.25 4.34
CA LYS B 170 12.49 6.73 4.22
C LYS B 170 13.42 5.54 4.44
N ARG B 171 14.37 5.35 3.52
CA ARG B 171 15.43 4.37 3.70
C ARG B 171 16.74 5.08 4.02
N1 V7T C 1 -14.51 4.76 0.42
N2 V7T C 1 -14.65 4.78 -1.99
CA V7T C 1 -12.40 2.86 0.13
CD V7T C 1 -8.76 1.33 0.35
CE V7T C 1 -7.83 0.85 1.45
NZ V7T C 1 -7.66 1.86 2.49
CG V7T C 1 -10.17 1.73 0.81
CB V7T C 1 -11.00 2.40 -0.28
C2 V7T C 1 -14.08 4.40 -0.87
N V7T C 1 -13.00 3.60 -0.98
C V7T C 1 -13.27 1.66 0.52
O V7T C 1 -13.15 1.18 1.65
N LYS C 2 -9.23 4.01 4.34
CA LYS C 2 -8.13 3.07 4.53
C LYS C 2 -8.36 1.87 3.62
N LYS C 3 -11.47 5.60 4.41
CA LYS C 3 -10.36 6.01 3.57
C LYS C 3 -9.10 5.18 3.72
O V8N C 4 -12.73 5.09 2.62
C V8N C 4 -12.59 5.17 3.84
C20 V8N C 4 -13.69 4.76 4.81
C21 V8N C 4 -15.02 4.61 4.12
C22 V8N C 4 -15.43 3.36 3.66
C23 V8N C 4 -16.66 3.18 3.05
C24 V8N C 4 -17.05 1.81 2.54
C31 V8N C 4 -17.50 4.27 2.91
C32 V8N C 4 -17.11 5.52 3.35
C33 V8N C 4 -15.88 5.68 3.95
N V8N C 4 -16.27 1.45 1.36
C1 ZAL C 5 -15.42 -0.11 -2.67
C1 ZAL C 5 -15.80 -0.53 -2.59
C2 ZAL C 5 -14.19 -0.96 -2.96
C2 ZAL C 5 -15.10 0.48 -3.49
C3 ZAL C 5 -13.92 -1.07 -4.46
C3 ZAL C 5 -15.13 0.03 -4.95
C4 ZAL C 5 -15.04 -1.79 -5.19
C4 ZAL C 5 -15.19 -1.48 -5.07
C5 ZAL C 5 -16.29 -1.80 -4.34
C5 ZAL C 5 -14.40 -2.14 -3.95
C6 ZAL C 5 -16.51 -0.44 -3.69
C6 ZAL C 5 -14.99 -1.82 -2.57
N ZAL C 5 -14.13 1.19 -0.41
CA ZAL C 5 -14.96 0.03 -0.12
CA ZAL C 5 -15.02 0.06 -0.16
CB ZAL C 5 -15.94 -0.32 -1.25
CB ZAL C 5 -16.15 0.02 -1.21
C ZAL C 5 -15.76 0.23 1.17
O ZAL C 5 -15.92 -0.70 1.95
#